data_3BO8
#
_entry.id   3BO8
#
_cell.length_a   51.176
_cell.length_b   74.060
_cell.length_c   125.940
_cell.angle_alpha   90.000
_cell.angle_beta   90.000
_cell.angle_gamma   90.000
#
_symmetry.space_group_name_H-M   'P 21 21 21'
#
loop_
_entity.id
_entity.type
_entity.pdbx_description
1 polymer 'HLA class I histocompatibility antigen, A-1 alpha chain'
2 polymer Beta-2-microglobulin
3 polymer 'nonameric peptide from Melanoma-associated antigen 1'
4 non-polymer GLYCEROL
5 water water
#
loop_
_entity_poly.entity_id
_entity_poly.type
_entity_poly.pdbx_seq_one_letter_code
_entity_poly.pdbx_strand_id
1 'polypeptide(L)'
;GSHSMRYFFTSVSRPGRGEPRFIAVGYVDDTQFVRFDSDAASQKMEPRAPWIEQEGPEYWDQETRNMKAHSQTDRANLGT
LRGYYNQSEDGSHTIQIMYGCDVGPDGRFLRGYRQDAYDGKDYIALNEDLRSWTAADMAAQITKRKWEAVHAAEQRRVYL
EGRCVDGLRRYLENGKETLQRTDPPKTHMTHHPISDHEATLRCWALGFYPAEITLTWQRDGEDQTQDTELVETRPAGDGT
FQKWAAVVVPSGEEQRYTCHVQHEGLPKPLTLRW
;
A
2 'polypeptide(L)'
;MIQRTPKIQVYSRHPAENGKSNFLNCYVSGFHPSDIEVDLLKNGERIEKVEHSDLSFSKDWSFYLLYYTEFTPTEKDEYA
CRVNHVTLSQPKIVKWDRDM
;
B
3 'polypeptide(L)' EADPTGHSY C
#
loop_
_chem_comp.id
_chem_comp.type
_chem_comp.name
_chem_comp.formula
GOL non-polymer GLYCEROL 'C3 H8 O3'
#
# COMPACT_ATOMS: atom_id res chain seq x y z
N GLY A 1 -3.72 -21.56 -1.04
CA GLY A 1 -3.79 -20.69 0.18
C GLY A 1 -5.02 -19.82 0.12
N SER A 2 -5.24 -19.05 1.19
CA SER A 2 -6.40 -18.15 1.28
C SER A 2 -6.17 -16.87 0.46
N HIS A 3 -7.24 -16.16 0.11
CA HIS A 3 -7.14 -14.99 -0.79
C HIS A 3 -8.05 -13.86 -0.28
N SER A 4 -7.78 -12.64 -0.74
CA SER A 4 -8.58 -11.50 -0.30
C SER A 4 -8.81 -10.58 -1.50
N MET A 5 -9.91 -9.82 -1.48
CA MET A 5 -10.13 -8.72 -2.38
C MET A 5 -10.48 -7.51 -1.53
N ARG A 6 -9.87 -6.36 -1.83
CA ARG A 6 -10.13 -5.12 -1.08
C ARG A 6 -10.28 -3.96 -2.04
N TYR A 7 -11.21 -3.05 -1.76
CA TYR A 7 -11.26 -1.75 -2.40
C TYR A 7 -10.93 -0.67 -1.37
N PHE A 8 -10.11 0.31 -1.74
CA PHE A 8 -9.73 1.44 -0.88
C PHE A 8 -10.10 2.73 -1.60
N PHE A 9 -10.75 3.64 -0.89
CA PHE A 9 -11.29 4.88 -1.44
C PHE A 9 -10.83 6.04 -0.55
N THR A 10 -10.39 7.10 -1.19
CA THR A 10 -10.01 8.32 -0.48
C THR A 10 -10.60 9.51 -1.22
N SER A 11 -11.38 10.32 -0.48
CA SER A 11 -11.88 11.61 -0.98
C SER A 11 -11.37 12.73 -0.07
N VAL A 12 -10.77 13.75 -0.67
CA VAL A 12 -10.21 14.91 0.06
C VAL A 12 -10.82 16.23 -0.45
N SER A 13 -11.37 17.03 0.45
CA SER A 13 -11.92 18.30 0.09
C SER A 13 -10.76 19.28 -0.18
N ARG A 14 -11.02 20.19 -1.11
CA ARG A 14 -10.05 21.16 -1.56
C ARG A 14 -10.73 22.54 -1.55
N PRO A 15 -10.92 23.14 -0.35
CA PRO A 15 -11.70 24.39 -0.25
C PRO A 15 -11.13 25.45 -1.20
N GLY A 16 -12.03 26.11 -1.93
CA GLY A 16 -11.62 27.12 -2.92
C GLY A 16 -11.17 26.58 -4.27
N ARG A 17 -10.81 25.30 -4.32
CA ARG A 17 -10.13 24.73 -5.48
C ARG A 17 -10.94 23.61 -6.13
N GLY A 18 -12.24 23.82 -6.24
CA GLY A 18 -13.10 22.87 -6.96
C GLY A 18 -13.47 21.64 -6.14
N GLU A 19 -13.88 20.60 -6.86
CA GLU A 19 -14.43 19.41 -6.26
C GLU A 19 -13.36 18.60 -5.54
N PRO A 20 -13.79 17.77 -4.54
CA PRO A 20 -12.85 16.90 -3.84
C PRO A 20 -12.08 15.99 -4.77
N ARG A 21 -10.83 15.68 -4.40
CA ARG A 21 -10.03 14.68 -5.11
C ARG A 21 -10.52 13.29 -4.68
N PHE A 22 -10.92 12.47 -5.65
CA PHE A 22 -11.39 11.10 -5.34
C PHE A 22 -10.45 10.09 -5.98
N ILE A 23 -9.93 9.15 -5.18
CA ILE A 23 -9.05 8.10 -5.72
C ILE A 23 -9.49 6.73 -5.19
N ALA A 24 -9.71 5.79 -6.09
CA ALA A 24 -10.19 4.45 -5.72
C ALA A 24 -9.17 3.44 -6.26
N VAL A 25 -8.81 2.44 -5.47
CA VAL A 25 -7.98 1.31 -5.95
C VAL A 25 -8.59 -0.03 -5.48
N GLY A 26 -8.46 -1.06 -6.34
CA GLY A 26 -8.89 -2.42 -6.04
C GLY A 26 -7.70 -3.37 -6.07
N TYR A 27 -7.66 -4.28 -5.11
CA TYR A 27 -6.62 -5.29 -4.97
C TYR A 27 -7.16 -6.71 -4.88
N VAL A 28 -6.42 -7.66 -5.44
CA VAL A 28 -6.57 -9.07 -5.09
C VAL A 28 -5.24 -9.44 -4.41
N ASP A 29 -5.32 -9.83 -3.14
CA ASP A 29 -4.11 -10.11 -2.35
C ASP A 29 -3.18 -8.88 -2.39
N ASP A 30 -1.90 -9.09 -2.70
CA ASP A 30 -0.93 -8.01 -2.82
C ASP A 30 -0.83 -7.43 -4.23
N THR A 31 -1.81 -7.69 -5.08
CA THR A 31 -1.78 -7.22 -6.47
C THR A 31 -2.90 -6.20 -6.79
N GLN A 32 -2.53 -4.98 -7.15
CA GLN A 32 -3.52 -3.99 -7.59
C GLN A 32 -4.06 -4.31 -9.00
N PHE A 33 -5.36 -4.07 -9.25
CA PHE A 33 -5.93 -4.49 -10.55
C PHE A 33 -6.84 -3.45 -11.22
N VAL A 34 -7.35 -2.50 -10.44
CA VAL A 34 -8.16 -1.40 -11.00
C VAL A 34 -7.87 -0.08 -10.28
N ARG A 35 -8.21 1.05 -10.93
CA ARG A 35 -8.14 2.35 -10.31
C ARG A 35 -9.15 3.29 -10.93
N PHE A 36 -9.56 4.27 -10.14
CA PHE A 36 -10.31 5.44 -10.60
C PHE A 36 -9.68 6.66 -9.95
N ASP A 37 -9.46 7.70 -10.76
CA ASP A 37 -8.97 8.99 -10.25
C ASP A 37 -9.79 10.12 -10.88
N SER A 38 -10.41 10.93 -10.03
CA SER A 38 -11.26 12.04 -10.47
C SER A 38 -10.51 13.10 -11.31
N ASP A 39 -9.21 13.23 -11.12
CA ASP A 39 -8.41 14.23 -11.85
C ASP A 39 -7.83 13.65 -13.16
N ALA A 40 -8.08 12.37 -13.41
CA ALA A 40 -7.56 11.72 -14.61
C ALA A 40 -8.44 12.02 -15.81
N ALA A 41 -7.94 11.80 -17.03
CA ALA A 41 -8.66 12.30 -18.20
C ALA A 41 -9.84 11.39 -18.53
N SER A 42 -9.65 10.09 -18.37
CA SER A 42 -10.65 9.11 -18.82
C SER A 42 -12.03 9.23 -18.17
N GLN A 43 -12.06 9.52 -16.87
CA GLN A 43 -13.29 9.46 -16.06
C GLN A 43 -13.93 8.07 -16.10
N LYS A 44 -13.07 7.05 -16.19
CA LYS A 44 -13.49 5.67 -16.20
C LYS A 44 -12.69 4.85 -15.17
N MET A 45 -13.26 3.75 -14.72
CA MET A 45 -12.45 2.77 -14.02
C MET A 45 -11.47 2.22 -15.04
N GLU A 46 -10.21 2.05 -14.63
CA GLU A 46 -9.16 1.55 -15.54
C GLU A 46 -8.43 0.33 -15.06
N PRO A 47 -7.97 -0.52 -16.00
CA PRO A 47 -7.26 -1.74 -15.66
C PRO A 47 -5.84 -1.41 -15.18
N ARG A 48 -5.36 -2.15 -14.19
CA ARG A 48 -3.98 -2.01 -13.72
C ARG A 48 -3.27 -3.39 -13.63
N ALA A 49 -3.95 -4.44 -14.07
CA ALA A 49 -3.38 -5.79 -14.19
C ALA A 49 -3.81 -6.38 -15.53
N PRO A 50 -2.92 -7.17 -16.18
CA PRO A 50 -3.28 -7.82 -17.45
C PRO A 50 -4.58 -8.63 -17.40
N TRP A 51 -4.75 -9.48 -16.40
CA TRP A 51 -5.88 -10.41 -16.34
C TRP A 51 -7.29 -9.77 -16.21
N ILE A 52 -7.36 -8.49 -15.86
CA ILE A 52 -8.66 -7.83 -15.82
C ILE A 52 -9.05 -7.21 -17.18
N GLU A 53 -8.09 -7.08 -18.09
CA GLU A 53 -8.34 -6.39 -19.37
C GLU A 53 -9.35 -7.10 -20.24
N GLN A 54 -9.55 -8.39 -19.98
CA GLN A 54 -10.42 -9.25 -20.78
C GLN A 54 -11.88 -9.20 -20.31
N GLU A 55 -12.14 -8.47 -19.23
CA GLU A 55 -13.52 -8.15 -18.84
C GLU A 55 -14.11 -7.27 -19.93
N GLY A 56 -15.39 -7.51 -20.24
CA GLY A 56 -16.05 -6.84 -21.37
C GLY A 56 -16.52 -5.43 -21.08
N PRO A 57 -16.99 -4.72 -22.13
CA PRO A 57 -17.44 -3.34 -21.98
C PRO A 57 -18.48 -3.12 -20.87
N GLU A 58 -19.36 -4.10 -20.64
CA GLU A 58 -20.39 -3.98 -19.60
C GLU A 58 -19.84 -4.03 -18.17
N TYR A 59 -18.74 -4.76 -17.97
CA TYR A 59 -18.04 -4.72 -16.71
C TYR A 59 -17.48 -3.32 -16.44
N TRP A 60 -16.71 -2.80 -17.40
CA TRP A 60 -16.09 -1.48 -17.29
C TRP A 60 -17.14 -0.36 -17.10
N ASP A 61 -18.21 -0.41 -17.86
CA ASP A 61 -19.34 0.51 -17.71
C ASP A 61 -19.95 0.53 -16.30
N GLN A 62 -20.25 -0.67 -15.78
CA GLN A 62 -20.81 -0.87 -14.44
C GLN A 62 -19.84 -0.40 -13.32
N GLU A 63 -18.57 -0.78 -13.45
CA GLU A 63 -17.58 -0.40 -12.45
C GLU A 63 -17.42 1.12 -12.44
N THR A 64 -17.41 1.72 -13.65
CA THR A 64 -17.38 3.17 -13.78
C THR A 64 -18.59 3.84 -13.11
N ARG A 65 -19.79 3.30 -13.34
CA ARG A 65 -20.99 3.80 -12.67
C ARG A 65 -20.83 3.75 -11.14
N ASN A 66 -20.33 2.62 -10.64
CA ASN A 66 -20.13 2.41 -9.20
C ASN A 66 -19.18 3.47 -8.62
N MET A 67 -18.13 3.82 -9.38
CA MET A 67 -17.13 4.80 -8.92
C MET A 67 -17.70 6.21 -8.89
N LYS A 68 -18.43 6.59 -9.93
CA LYS A 68 -19.10 7.86 -9.94
C LYS A 68 -20.06 7.99 -8.77
N ALA A 69 -20.80 6.91 -8.49
CA ALA A 69 -21.74 6.93 -7.39
C ALA A 69 -20.98 7.10 -6.04
N HIS A 70 -19.89 6.35 -5.85
CA HIS A 70 -19.08 6.43 -4.62
C HIS A 70 -18.54 7.86 -4.43
N SER A 71 -17.98 8.40 -5.52
CA SER A 71 -17.48 9.78 -5.61
C SER A 71 -18.50 10.80 -5.13
N GLN A 72 -19.71 10.70 -5.66
CA GLN A 72 -20.78 11.66 -5.36
C GLN A 72 -21.29 11.58 -3.92
N THR A 73 -21.46 10.36 -3.44
CA THR A 73 -21.79 10.10 -2.03
C THR A 73 -20.73 10.69 -1.08
N ASP A 74 -19.45 10.47 -1.38
CA ASP A 74 -18.35 11.03 -0.58
C ASP A 74 -18.40 12.55 -0.56
N ARG A 75 -18.69 13.13 -1.72
CA ARG A 75 -18.80 14.59 -1.84
C ARG A 75 -19.88 15.19 -0.93
N ALA A 76 -21.05 14.56 -0.92
CA ALA A 76 -22.14 14.99 -0.06
C ALA A 76 -21.75 14.72 1.41
N ASN A 77 -21.08 13.60 1.65
CA ASN A 77 -20.68 13.20 3.02
C ASN A 77 -19.61 14.12 3.64
N LEU A 78 -18.73 14.68 2.82
CA LEU A 78 -17.75 15.67 3.28
C LEU A 78 -18.53 16.86 3.86
N GLY A 79 -19.57 17.27 3.14
CA GLY A 79 -20.47 18.34 3.62
C GLY A 79 -21.21 17.95 4.89
N THR A 80 -21.79 16.75 4.88
CA THR A 80 -22.52 16.30 6.06
C THR A 80 -21.67 16.32 7.32
N LEU A 81 -20.46 15.76 7.23
CA LEU A 81 -19.61 15.59 8.42
C LEU A 81 -19.13 16.97 8.87
N ARG A 82 -18.84 17.82 7.91
CA ARG A 82 -18.45 19.20 8.26
C ARG A 82 -19.54 19.81 9.12
N GLY A 83 -20.80 19.61 8.75
CA GLY A 83 -21.94 20.04 9.60
C GLY A 83 -22.08 19.37 10.95
N TYR A 84 -21.91 18.05 11.02
CA TYR A 84 -22.00 17.36 12.30
C TYR A 84 -20.96 17.86 13.31
N TYR A 85 -19.75 18.15 12.82
CA TYR A 85 -18.63 18.56 13.67
C TYR A 85 -18.50 20.09 13.88
N ASN A 86 -19.32 20.85 13.17
CA ASN A 86 -19.25 22.32 13.16
C ASN A 86 -17.90 22.87 12.68
N GLN A 87 -17.35 22.23 11.63
CA GLN A 87 -16.00 22.62 11.19
C GLN A 87 -16.04 23.75 10.18
N SER A 88 -14.97 24.53 10.16
CA SER A 88 -14.85 25.62 9.22
C SER A 88 -14.79 25.11 7.78
N GLU A 89 -15.48 25.82 6.88
CA GLU A 89 -15.39 25.59 5.44
C GLU A 89 -13.95 25.71 4.88
N ASP A 90 -13.07 26.41 5.61
CA ASP A 90 -11.67 26.64 5.18
C ASP A 90 -10.75 25.40 5.18
N GLY A 91 -11.09 24.41 5.99
CA GLY A 91 -10.18 23.28 6.21
C GLY A 91 -10.39 22.14 5.23
N SER A 92 -9.31 21.47 4.86
CA SER A 92 -9.36 20.26 4.04
C SER A 92 -9.58 19.04 4.96
N HIS A 93 -10.49 18.16 4.54
CA HIS A 93 -10.87 16.96 5.29
C HIS A 93 -10.85 15.75 4.37
N THR A 94 -10.72 14.57 4.97
CA THR A 94 -10.54 13.31 4.25
C THR A 94 -11.56 12.27 4.71
N ILE A 95 -12.23 11.64 3.74
CA ILE A 95 -12.96 10.43 4.04
C ILE A 95 -12.22 9.22 3.42
N GLN A 96 -11.98 8.17 4.19
CA GLN A 96 -11.44 6.94 3.62
C GLN A 96 -12.40 5.80 3.91
N ILE A 97 -12.53 4.91 2.93
CA ILE A 97 -13.34 3.71 3.09
C ILE A 97 -12.53 2.53 2.60
N MET A 98 -12.62 1.42 3.30
CA MET A 98 -12.11 0.12 2.82
C MET A 98 -13.23 -0.91 2.98
N TYR A 99 -13.35 -1.77 2.00
CA TYR A 99 -14.16 -2.96 2.16
C TYR A 99 -13.65 -4.10 1.30
N GLY A 100 -14.12 -5.31 1.60
CA GLY A 100 -13.71 -6.46 0.83
C GLY A 100 -14.03 -7.74 1.55
N CYS A 101 -13.54 -8.85 1.02
CA CYS A 101 -13.80 -10.16 1.56
C CYS A 101 -12.58 -11.06 1.46
N ASP A 102 -12.54 -12.08 2.32
CA ASP A 102 -11.52 -13.13 2.33
C ASP A 102 -12.19 -14.46 2.02
N VAL A 103 -11.52 -15.28 1.22
CA VAL A 103 -11.95 -16.66 0.91
C VAL A 103 -10.86 -17.68 1.23
N GLY A 104 -11.27 -18.91 1.49
CA GLY A 104 -10.30 -19.97 1.69
C GLY A 104 -9.89 -20.54 0.34
N PRO A 105 -9.03 -21.59 0.37
CA PRO A 105 -8.53 -22.30 -0.81
C PRO A 105 -9.65 -23.00 -1.61
N ASP A 106 -10.79 -23.28 -0.98
CA ASP A 106 -11.98 -23.83 -1.65
C ASP A 106 -12.95 -22.72 -2.10
N GLY A 107 -12.49 -21.47 -2.04
CA GLY A 107 -13.33 -20.35 -2.47
C GLY A 107 -14.46 -19.97 -1.54
N ARG A 108 -14.56 -20.63 -0.38
CA ARG A 108 -15.61 -20.33 0.58
C ARG A 108 -15.32 -19.07 1.42
N PHE A 109 -16.38 -18.33 1.73
CA PHE A 109 -16.33 -17.07 2.52
C PHE A 109 -15.74 -17.25 3.91
N LEU A 110 -14.66 -16.52 4.20
CA LEU A 110 -14.08 -16.54 5.53
C LEU A 110 -14.57 -15.37 6.36
N ARG A 111 -14.50 -14.16 5.78
CA ARG A 111 -14.98 -12.98 6.48
C ARG A 111 -15.09 -11.78 5.54
N GLY A 112 -15.87 -10.78 5.95
CA GLY A 112 -16.04 -9.55 5.17
C GLY A 112 -15.72 -8.35 6.04
N TYR A 113 -15.49 -7.21 5.37
CA TYR A 113 -15.09 -5.94 6.06
C TYR A 113 -15.73 -4.76 5.40
N ARG A 114 -16.14 -3.75 6.17
CA ARG A 114 -16.54 -2.44 5.63
C ARG A 114 -16.24 -1.46 6.76
N GLN A 115 -15.35 -0.49 6.49
CA GLN A 115 -14.87 0.44 7.53
C GLN A 115 -14.73 1.81 6.93
N ASP A 116 -15.20 2.81 7.67
CA ASP A 116 -15.15 4.22 7.21
C ASP A 116 -14.37 5.04 8.26
N ALA A 117 -13.56 5.97 7.73
CA ALA A 117 -12.74 6.89 8.54
C ALA A 117 -12.90 8.34 8.10
N TYR A 118 -12.80 9.25 9.05
CA TYR A 118 -12.83 10.68 8.77
C TYR A 118 -11.56 11.28 9.36
N ASP A 119 -10.81 11.98 8.52
CA ASP A 119 -9.55 12.62 8.88
C ASP A 119 -8.59 11.62 9.56
N GLY A 120 -8.51 10.40 8.98
CA GLY A 120 -7.53 9.38 9.39
C GLY A 120 -7.80 8.63 10.69
N LYS A 121 -9.02 8.76 11.23
CA LYS A 121 -9.43 8.02 12.43
C LYS A 121 -10.79 7.32 12.19
N ASP A 122 -10.99 6.18 12.85
CA ASP A 122 -12.28 5.48 12.72
C ASP A 122 -13.50 6.39 12.89
N TYR A 123 -14.48 6.18 12.01
CA TYR A 123 -15.72 6.92 12.05
C TYR A 123 -16.86 5.91 12.35
N ILE A 124 -17.09 4.96 11.43
CA ILE A 124 -18.09 3.87 11.63
C ILE A 124 -17.60 2.58 10.93
N ALA A 125 -17.81 1.43 11.58
CA ALA A 125 -17.38 0.14 11.05
C ALA A 125 -18.48 -0.90 11.16
N LEU A 126 -18.65 -1.71 10.12
CA LEU A 126 -19.44 -2.94 10.19
C LEU A 126 -18.69 -3.95 11.08
N ASN A 127 -19.37 -4.52 12.07
CA ASN A 127 -18.80 -5.55 12.91
C ASN A 127 -18.67 -6.89 12.19
N GLU A 128 -17.91 -7.81 12.79
CA GLU A 128 -17.62 -9.11 12.18
C GLU A 128 -18.90 -9.91 11.90
N ASP A 129 -19.94 -9.67 12.71
CA ASP A 129 -21.22 -10.38 12.52
C ASP A 129 -22.02 -9.96 11.31
N LEU A 130 -21.57 -8.88 10.64
CA LEU A 130 -22.19 -8.33 9.41
C LEU A 130 -23.65 -7.89 9.62
N ARG A 131 -24.03 -7.62 10.87
CA ARG A 131 -25.38 -7.26 11.30
C ARG A 131 -25.42 -6.01 12.17
N SER A 132 -24.26 -5.51 12.64
CA SER A 132 -24.28 -4.38 13.57
C SER A 132 -23.10 -3.45 13.26
N TRP A 133 -23.10 -2.27 13.87
CA TRP A 133 -22.10 -1.22 13.58
C TRP A 133 -21.44 -0.78 14.87
N THR A 134 -20.18 -0.34 14.76
CA THR A 134 -19.47 0.33 15.85
C THR A 134 -19.26 1.80 15.41
N ALA A 135 -19.83 2.73 16.17
CA ALA A 135 -19.65 4.14 15.90
C ALA A 135 -18.58 4.71 16.82
N ALA A 136 -17.63 5.47 16.27
CA ALA A 136 -16.47 5.92 17.07
C ALA A 136 -16.70 7.14 17.96
N ASP A 137 -17.69 7.98 17.62
CA ASP A 137 -17.98 9.21 18.40
C ASP A 137 -19.46 9.61 18.31
N MET A 138 -19.83 10.76 18.85
CA MET A 138 -21.22 11.18 18.88
C MET A 138 -21.79 11.45 17.51
N ALA A 139 -20.97 11.99 16.60
CA ALA A 139 -21.39 12.28 15.23
C ALA A 139 -21.70 10.95 14.50
N ALA A 140 -20.81 9.96 14.67
CA ALA A 140 -20.97 8.66 14.00
C ALA A 140 -22.21 7.93 14.49
N GLN A 141 -22.61 8.23 15.72
CA GLN A 141 -23.86 7.69 16.28
C GLN A 141 -25.08 8.11 15.47
N ILE A 142 -25.04 9.32 14.90
CA ILE A 142 -26.10 9.83 14.04
C ILE A 142 -26.19 8.93 12.82
N THR A 143 -25.04 8.69 12.18
CA THR A 143 -24.93 7.75 11.04
C THR A 143 -25.36 6.34 11.41
N LYS A 144 -24.95 5.86 12.58
CA LYS A 144 -25.35 4.51 13.05
C LYS A 144 -26.88 4.38 13.05
N ARG A 145 -27.55 5.35 13.68
CA ARG A 145 -29.02 5.36 13.73
C ARG A 145 -29.62 5.38 12.32
N LYS A 146 -29.08 6.23 11.43
CA LYS A 146 -29.57 6.30 10.06
C LYS A 146 -29.39 4.98 9.32
N TRP A 147 -28.22 4.33 9.47
CA TRP A 147 -27.91 3.09 8.72
C TRP A 147 -28.71 1.90 9.26
N GLU A 148 -29.00 1.95 10.56
CA GLU A 148 -29.94 1.00 11.18
C GLU A 148 -31.36 1.11 10.59
N ALA A 149 -31.85 2.35 10.43
CA ALA A 149 -33.19 2.62 9.88
C ALA A 149 -33.35 2.18 8.43
N VAL A 150 -32.29 2.33 7.65
CA VAL A 150 -32.31 1.97 6.24
C VAL A 150 -31.74 0.56 5.95
N HIS A 151 -31.50 -0.24 7.00
CA HIS A 151 -31.01 -1.63 6.83
C HIS A 151 -29.74 -1.75 5.94
N ALA A 152 -28.78 -0.83 6.16
CA ALA A 152 -27.52 -0.81 5.43
C ALA A 152 -26.72 -2.10 5.66
N ALA A 153 -26.76 -2.63 6.88
CA ALA A 153 -25.94 -3.80 7.24
C ALA A 153 -26.32 -5.03 6.38
N GLU A 154 -27.62 -5.27 6.22
CA GLU A 154 -28.04 -6.38 5.36
C GLU A 154 -27.56 -6.20 3.91
N GLN A 155 -27.69 -4.98 3.39
CA GLN A 155 -27.17 -4.66 2.06
C GLN A 155 -25.67 -4.94 1.94
N ARG A 156 -24.88 -4.54 2.96
CA ARG A 156 -23.43 -4.85 2.96
C ARG A 156 -23.19 -6.35 2.96
N ARG A 157 -23.87 -7.06 3.86
CA ARG A 157 -23.70 -8.53 3.92
C ARG A 157 -23.99 -9.21 2.58
N VAL A 158 -25.08 -8.80 1.92
CA VAL A 158 -25.43 -9.37 0.62
C VAL A 158 -24.26 -9.22 -0.36
N TYR A 159 -23.73 -7.99 -0.43
CA TYR A 159 -22.51 -7.75 -1.23
C TYR A 159 -21.32 -8.61 -0.80
N LEU A 160 -20.98 -8.58 0.48
CA LEU A 160 -19.73 -9.21 0.94
C LEU A 160 -19.71 -10.74 0.77
N GLU A 161 -20.87 -11.37 0.96
CA GLU A 161 -20.98 -12.83 0.85
C GLU A 161 -21.31 -13.26 -0.58
N GLY A 162 -21.75 -12.32 -1.41
CA GLY A 162 -22.18 -12.67 -2.74
C GLY A 162 -21.19 -12.21 -3.79
N ARG A 163 -21.44 -11.04 -4.35
CA ARG A 163 -20.65 -10.57 -5.48
C ARG A 163 -19.17 -10.37 -5.14
N CYS A 164 -18.86 -9.97 -3.90
CA CYS A 164 -17.47 -9.83 -3.49
C CYS A 164 -16.75 -11.20 -3.66
N VAL A 165 -17.40 -12.24 -3.15
CA VAL A 165 -16.88 -13.62 -3.26
C VAL A 165 -16.85 -14.09 -4.73
N ASP A 166 -17.97 -13.94 -5.44
CA ASP A 166 -18.05 -14.31 -6.87
C ASP A 166 -16.98 -13.64 -7.73
N GLY A 167 -16.81 -12.33 -7.52
CA GLY A 167 -15.81 -11.55 -8.26
C GLY A 167 -14.39 -12.05 -7.99
N LEU A 168 -14.07 -12.21 -6.72
CA LEU A 168 -12.74 -12.65 -6.33
C LEU A 168 -12.42 -14.02 -6.95
N ARG A 169 -13.42 -14.90 -6.94
CA ARG A 169 -13.26 -16.26 -7.47
C ARG A 169 -12.97 -16.24 -8.98
N ARG A 170 -13.66 -15.37 -9.71
CA ARG A 170 -13.44 -15.21 -11.16
C ARG A 170 -12.04 -14.66 -11.44
N TYR A 171 -11.66 -13.62 -10.70
CA TYR A 171 -10.33 -12.99 -10.82
C TYR A 171 -9.19 -13.98 -10.55
N LEU A 172 -9.35 -14.79 -9.52
CA LEU A 172 -8.35 -15.79 -9.16
C LEU A 172 -8.16 -16.85 -10.26
N GLU A 173 -9.25 -17.19 -10.95
CA GLU A 173 -9.18 -18.10 -12.07
C GLU A 173 -8.60 -17.40 -13.30
N ASN A 174 -9.15 -16.22 -13.65
CA ASN A 174 -8.68 -15.48 -14.83
C ASN A 174 -7.20 -15.10 -14.77
N GLY A 175 -6.77 -14.63 -13.61
CA GLY A 175 -5.39 -14.27 -13.41
C GLY A 175 -4.59 -15.31 -12.65
N LYS A 176 -4.93 -16.59 -12.81
CA LYS A 176 -4.27 -17.62 -12.03
C LYS A 176 -2.76 -17.71 -12.27
N GLU A 177 -2.31 -17.42 -13.49
CA GLU A 177 -0.88 -17.53 -13.85
C GLU A 177 0.02 -16.59 -13.08
N THR A 178 -0.56 -15.53 -12.52
CA THR A 178 0.16 -14.60 -11.65
C THR A 178 -0.35 -14.52 -10.20
N LEU A 179 -1.66 -14.54 -10.00
CA LEU A 179 -2.22 -14.44 -8.64
C LEU A 179 -2.02 -15.69 -7.76
N GLN A 180 -1.96 -16.85 -8.42
CA GLN A 180 -1.76 -18.12 -7.73
C GLN A 180 -0.30 -18.59 -7.78
N ARG A 181 0.59 -17.70 -8.18
CA ARG A 181 2.00 -18.05 -8.19
C ARG A 181 2.68 -17.57 -6.89
N THR A 182 3.84 -18.15 -6.61
CA THR A 182 4.70 -17.64 -5.54
C THR A 182 6.07 -17.49 -6.19
N ASP A 183 6.62 -16.28 -6.14
CA ASP A 183 7.95 -16.02 -6.66
C ASP A 183 8.84 -16.05 -5.42
N PRO A 184 9.75 -17.06 -5.32
CA PRO A 184 10.59 -17.11 -4.11
C PRO A 184 11.57 -15.94 -4.15
N PRO A 185 12.04 -15.49 -2.97
CA PRO A 185 13.01 -14.41 -2.93
C PRO A 185 14.36 -14.83 -3.55
N LYS A 186 14.97 -13.93 -4.30
CA LYS A 186 16.38 -14.09 -4.71
C LYS A 186 17.19 -13.53 -3.56
N THR A 187 17.99 -14.36 -2.92
CA THR A 187 18.72 -13.98 -1.71
C THR A 187 20.24 -13.86 -1.92
N HIS A 188 20.82 -12.92 -1.19
CA HIS A 188 22.25 -12.70 -1.19
C HIS A 188 22.64 -11.90 0.02
N MET A 189 23.93 -11.97 0.33
CA MET A 189 24.47 -11.21 1.42
C MET A 189 25.49 -10.21 0.91
N THR A 190 25.49 -9.02 1.48
CA THR A 190 26.54 -8.01 1.28
C THR A 190 27.26 -7.63 2.60
N HIS A 191 28.43 -6.99 2.49
CA HIS A 191 29.33 -6.81 3.62
C HIS A 191 29.87 -5.41 3.51
N HIS A 192 29.75 -4.62 4.59
CA HIS A 192 30.10 -3.19 4.54
C HIS A 192 30.93 -2.79 5.76
N PRO A 193 32.27 -2.76 5.60
CA PRO A 193 33.17 -2.29 6.66
C PRO A 193 32.74 -0.94 7.23
N ILE A 194 32.60 -0.84 8.54
CA ILE A 194 32.32 0.43 9.21
C ILE A 194 33.64 1.02 9.69
N SER A 195 34.50 0.16 10.23
CA SER A 195 35.85 0.52 10.61
C SER A 195 36.71 -0.72 10.49
N ASP A 196 37.96 -0.59 10.96
CA ASP A 196 38.84 -1.73 11.10
C ASP A 196 38.29 -2.76 12.11
N HIS A 197 37.47 -2.32 13.08
CA HIS A 197 36.96 -3.22 14.12
C HIS A 197 35.48 -3.67 14.02
N GLU A 198 34.74 -3.15 13.03
CA GLU A 198 33.31 -3.48 12.85
C GLU A 198 32.90 -3.50 11.39
N ALA A 199 31.95 -4.38 11.06
CA ALA A 199 31.33 -4.40 9.73
C ALA A 199 29.84 -4.69 9.83
N THR A 200 29.09 -4.15 8.87
CA THR A 200 27.70 -4.51 8.71
C THR A 200 27.55 -5.70 7.76
N LEU A 201 26.76 -6.68 8.15
CA LEU A 201 26.31 -7.70 7.19
C LEU A 201 24.84 -7.47 6.87
N ARG A 202 24.48 -7.49 5.59
CA ARG A 202 23.10 -7.24 5.15
C ARG A 202 22.60 -8.42 4.32
N CYS A 203 21.47 -8.96 4.76
CA CYS A 203 20.87 -10.15 4.16
C CYS A 203 19.69 -9.70 3.33
N TRP A 204 19.76 -9.93 2.02
CA TRP A 204 18.77 -9.42 1.07
C TRP A 204 17.76 -10.44 0.54
N ALA A 205 16.51 -10.03 0.39
CA ALA A 205 15.53 -10.88 -0.30
C ALA A 205 14.87 -9.98 -1.33
N LEU A 206 14.95 -10.35 -2.62
CA LEU A 206 14.49 -9.51 -3.71
C LEU A 206 13.58 -10.29 -4.65
N GLY A 207 12.65 -9.57 -5.27
CA GLY A 207 11.82 -10.14 -6.33
C GLY A 207 10.78 -11.16 -5.86
N PHE A 208 10.32 -11.05 -4.61
CA PHE A 208 9.43 -12.08 -4.06
C PHE A 208 7.95 -11.71 -4.11
N TYR A 209 7.12 -12.74 -4.06
CA TYR A 209 5.65 -12.59 -4.11
C TYR A 209 5.04 -13.88 -3.60
N PRO A 210 4.07 -13.78 -2.65
CA PRO A 210 3.42 -12.57 -2.08
C PRO A 210 4.33 -11.80 -1.08
N ALA A 211 3.85 -10.69 -0.48
CA ALA A 211 4.69 -9.84 0.39
C ALA A 211 5.20 -10.47 1.69
N GLU A 212 4.49 -11.45 2.24
CA GLU A 212 4.84 -12.06 3.53
C GLU A 212 6.18 -12.80 3.42
N ILE A 213 7.08 -12.49 4.36
CA ILE A 213 8.44 -13.05 4.42
C ILE A 213 8.98 -12.90 5.84
N THR A 214 9.87 -13.82 6.25
CA THR A 214 10.61 -13.64 7.49
C THR A 214 12.10 -13.74 7.22
N LEU A 215 12.84 -12.74 7.69
CA LEU A 215 14.30 -12.72 7.67
C LEU A 215 14.82 -12.62 9.10
N THR A 216 15.75 -13.49 9.48
CA THR A 216 16.25 -13.48 10.87
C THR A 216 17.76 -13.73 10.85
N TRP A 217 18.49 -13.04 11.73
CA TRP A 217 19.93 -13.26 11.91
C TRP A 217 20.23 -14.10 13.16
N GLN A 218 21.24 -14.97 13.08
CA GLN A 218 21.72 -15.77 14.21
C GLN A 218 23.23 -15.59 14.42
N ARG A 219 23.68 -15.72 15.66
CA ARG A 219 25.12 -15.81 15.96
C ARG A 219 25.33 -17.12 16.67
N ASP A 220 26.20 -17.99 16.10
CA ASP A 220 26.37 -19.36 16.56
C ASP A 220 25.01 -20.08 16.75
N GLY A 221 24.05 -19.85 15.87
CA GLY A 221 22.75 -20.53 15.98
C GLY A 221 21.69 -19.84 16.80
N GLU A 222 22.09 -18.83 17.56
CA GLU A 222 21.15 -18.10 18.43
C GLU A 222 20.60 -16.84 17.76
N ASP A 223 19.27 -16.72 17.73
CA ASP A 223 18.62 -15.49 17.21
C ASP A 223 19.18 -14.20 17.81
N GLN A 224 19.30 -13.18 16.97
CA GLN A 224 19.86 -11.87 17.34
C GLN A 224 18.81 -10.78 17.14
N THR A 225 17.57 -11.09 17.53
CA THR A 225 16.43 -10.20 17.26
C THR A 225 16.63 -8.74 17.62
N GLN A 226 17.05 -8.46 18.86
CA GLN A 226 17.25 -7.08 19.28
C GLN A 226 18.32 -6.32 18.48
N ASP A 227 19.34 -7.02 18.01
CA ASP A 227 20.43 -6.37 17.31
C ASP A 227 20.20 -6.25 15.80
N THR A 228 19.06 -6.77 15.34
CA THR A 228 18.82 -6.84 13.92
C THR A 228 18.07 -5.58 13.48
N GLU A 229 18.62 -4.85 12.49
CA GLU A 229 17.87 -3.81 11.78
C GLU A 229 17.06 -4.44 10.63
N LEU A 230 15.72 -4.33 10.65
CA LEU A 230 14.83 -4.83 9.58
C LEU A 230 14.14 -3.69 8.87
N VAL A 231 14.31 -3.56 7.56
CA VAL A 231 13.54 -2.54 6.87
C VAL A 231 12.12 -3.01 6.62
N GLU A 232 11.22 -2.05 6.48
CA GLU A 232 9.86 -2.37 6.12
C GLU A 232 9.85 -2.94 4.69
N THR A 233 9.00 -3.95 4.47
CA THR A 233 8.85 -4.59 3.16
C THR A 233 8.36 -3.53 2.16
N ARG A 234 8.99 -3.48 0.97
CA ARG A 234 8.79 -2.39 0.01
C ARG A 234 8.51 -2.94 -1.42
N PRO A 235 7.66 -2.26 -2.21
CA PRO A 235 7.40 -2.72 -3.57
C PRO A 235 8.65 -2.55 -4.48
N ALA A 236 8.92 -3.53 -5.34
CA ALA A 236 10.00 -3.38 -6.33
C ALA A 236 9.60 -2.44 -7.46
N GLY A 237 8.28 -2.34 -7.71
CA GLY A 237 7.79 -1.58 -8.85
C GLY A 237 7.29 -2.43 -10.01
N ASP A 238 7.52 -3.73 -9.91
CA ASP A 238 7.17 -4.65 -10.98
C ASP A 238 6.19 -5.70 -10.47
N GLY A 239 5.55 -5.41 -9.33
CA GLY A 239 4.62 -6.37 -8.77
C GLY A 239 5.23 -7.31 -7.73
N THR A 240 6.55 -7.23 -7.51
CA THR A 240 7.21 -8.08 -6.51
C THR A 240 7.69 -7.20 -5.33
N PHE A 241 8.25 -7.84 -4.30
CA PHE A 241 8.65 -7.13 -3.09
C PHE A 241 10.10 -7.33 -2.73
N GLN A 242 10.56 -6.46 -1.81
CA GLN A 242 11.94 -6.47 -1.31
C GLN A 242 11.98 -6.30 0.19
N LYS A 243 13.00 -6.88 0.81
CA LYS A 243 13.27 -6.66 2.25
C LYS A 243 14.73 -7.00 2.52
N TRP A 244 15.32 -6.33 3.50
CA TRP A 244 16.60 -6.74 4.03
C TRP A 244 16.66 -6.62 5.55
N ALA A 245 17.62 -7.34 6.12
CA ALA A 245 17.92 -7.34 7.55
C ALA A 245 19.42 -7.20 7.67
N ALA A 246 19.86 -6.43 8.65
CA ALA A 246 21.31 -6.22 8.87
C ALA A 246 21.73 -6.33 10.31
N VAL A 247 22.96 -6.76 10.53
CA VAL A 247 23.55 -6.81 11.87
C VAL A 247 24.95 -6.19 11.80
N VAL A 248 25.34 -5.49 12.87
CA VAL A 248 26.69 -4.99 13.00
C VAL A 248 27.47 -5.99 13.85
N VAL A 249 28.63 -6.39 13.34
CA VAL A 249 29.42 -7.50 13.89
C VAL A 249 30.88 -7.07 14.08
N PRO A 250 31.61 -7.71 15.03
CA PRO A 250 33.03 -7.42 15.20
C PRO A 250 33.79 -7.95 13.99
N SER A 251 34.73 -7.14 13.46
CA SER A 251 35.55 -7.58 12.33
C SER A 251 36.32 -8.85 12.69
N GLY A 252 36.26 -9.84 11.81
CA GLY A 252 36.90 -11.11 12.04
C GLY A 252 35.91 -12.17 12.47
N GLU A 253 34.74 -11.73 12.93
CA GLU A 253 33.67 -12.63 13.40
C GLU A 253 32.48 -12.79 12.44
N GLU A 254 32.60 -12.27 11.22
CA GLU A 254 31.49 -12.31 10.24
C GLU A 254 30.96 -13.73 9.99
N GLN A 255 31.87 -14.70 9.83
CA GLN A 255 31.50 -16.09 9.55
C GLN A 255 30.73 -16.88 10.63
N ARG A 256 30.70 -16.39 11.89
CA ARG A 256 29.82 -16.95 12.96
C ARG A 256 28.32 -16.70 12.74
N TYR A 257 27.99 -15.74 11.88
CA TYR A 257 26.59 -15.34 11.69
C TYR A 257 25.92 -16.02 10.50
N THR A 258 24.61 -16.28 10.63
CA THR A 258 23.81 -16.80 9.53
C THR A 258 22.49 -16.00 9.44
N CYS A 259 22.02 -15.88 8.21
CA CYS A 259 20.71 -15.31 7.92
C CYS A 259 19.77 -16.44 7.47
N HIS A 260 18.57 -16.47 8.04
CA HIS A 260 17.57 -17.46 7.63
C HIS A 260 16.47 -16.70 6.89
N VAL A 261 16.04 -17.24 5.75
CA VAL A 261 14.99 -16.67 4.94
C VAL A 261 13.84 -17.69 4.80
N GLN A 262 12.63 -17.24 5.19
CA GLN A 262 11.42 -18.04 5.10
C GLN A 262 10.39 -17.34 4.21
N HIS A 263 9.94 -18.06 3.19
CA HIS A 263 8.93 -17.59 2.27
C HIS A 263 8.15 -18.80 1.73
N GLU A 264 6.88 -18.62 1.42
CA GLU A 264 6.10 -19.77 0.94
C GLU A 264 6.51 -20.29 -0.45
N GLY A 265 7.24 -19.48 -1.20
CA GLY A 265 7.76 -19.87 -2.50
C GLY A 265 9.05 -20.67 -2.45
N LEU A 266 9.62 -20.86 -1.28
CA LEU A 266 10.86 -21.64 -1.15
C LEU A 266 10.54 -23.10 -0.85
N PRO A 267 11.15 -24.05 -1.61
CA PRO A 267 11.12 -25.49 -1.28
C PRO A 267 11.44 -25.71 0.20
N LYS A 268 12.53 -25.07 0.65
CA LYS A 268 13.00 -25.13 2.03
C LYS A 268 13.53 -23.76 2.45
N PRO A 269 13.52 -23.47 3.76
CA PRO A 269 14.04 -22.16 4.21
C PRO A 269 15.52 -22.10 3.83
N LEU A 270 15.98 -20.90 3.47
CA LEU A 270 17.39 -20.75 3.09
C LEU A 270 18.20 -20.20 4.25
N THR A 271 19.45 -20.64 4.31
CA THR A 271 20.42 -20.17 5.27
C THR A 271 21.57 -19.59 4.46
N LEU A 272 21.98 -18.39 4.85
CA LEU A 272 23.14 -17.73 4.23
C LEU A 272 24.21 -17.46 5.28
N ARG A 273 25.48 -17.66 4.87
CA ARG A 273 26.62 -17.35 5.71
C ARG A 273 27.68 -16.60 4.84
N TRP A 274 28.23 -15.52 5.39
CA TRP A 274 29.37 -14.82 4.80
C TRP A 274 30.59 -15.73 4.61
N MET B 1 -7.35 17.34 13.58
CA MET B 1 -6.86 15.95 13.38
C MET B 1 -5.35 15.84 13.50
N ILE B 2 -4.91 14.71 14.04
CA ILE B 2 -3.51 14.33 14.14
C ILE B 2 -2.95 14.12 12.72
N GLN B 3 -1.73 14.58 12.50
CA GLN B 3 -1.10 14.39 11.21
C GLN B 3 0.05 13.41 11.47
N ARG B 4 0.47 12.65 10.47
CA ARG B 4 1.58 11.71 10.64
C ARG B 4 2.65 11.97 9.58
N THR B 5 3.92 11.88 9.97
CA THR B 5 5.00 12.28 9.06
C THR B 5 5.41 11.07 8.18
N PRO B 6 5.77 11.32 6.90
CA PRO B 6 6.13 10.15 6.09
C PRO B 6 7.41 9.44 6.51
N LYS B 7 7.38 8.11 6.44
CA LYS B 7 8.59 7.29 6.37
C LYS B 7 9.05 7.24 4.91
N ILE B 8 10.37 7.10 4.73
CA ILE B 8 10.98 7.20 3.39
C ILE B 8 12.03 6.12 3.22
N GLN B 9 11.95 5.42 2.08
CA GLN B 9 12.99 4.54 1.63
C GLN B 9 13.27 4.80 0.15
N VAL B 10 14.55 5.00 -0.17
CA VAL B 10 15.04 5.17 -1.54
C VAL B 10 15.92 3.98 -1.89
N TYR B 11 15.69 3.38 -3.06
CA TYR B 11 16.30 2.13 -3.49
C TYR B 11 16.08 1.88 -4.97
N SER B 12 16.72 0.85 -5.50
CA SER B 12 16.56 0.52 -6.88
C SER B 12 15.73 -0.76 -7.05
N ARG B 13 15.07 -0.89 -8.17
CA ARG B 13 14.28 -2.09 -8.44
C ARG B 13 15.16 -3.33 -8.52
N HIS B 14 16.32 -3.18 -9.16
CA HIS B 14 17.30 -4.25 -9.35
C HIS B 14 18.61 -3.86 -8.69
N PRO B 15 19.41 -4.85 -8.24
CA PRO B 15 20.73 -4.52 -7.74
C PRO B 15 21.47 -3.66 -8.75
N ALA B 16 22.14 -2.62 -8.27
CA ALA B 16 22.74 -1.60 -9.14
C ALA B 16 23.91 -2.20 -9.89
N GLU B 17 23.98 -1.88 -11.17
CA GLU B 17 25.11 -2.28 -12.01
C GLU B 17 25.46 -1.07 -12.85
N ASN B 18 26.64 -0.50 -12.63
CA ASN B 18 27.03 0.73 -13.33
C ASN B 18 26.84 0.56 -14.84
N GLY B 19 26.18 1.53 -15.46
CA GLY B 19 25.98 1.52 -16.91
C GLY B 19 24.84 0.65 -17.40
N LYS B 20 24.09 0.05 -16.48
CA LYS B 20 22.94 -0.80 -16.83
C LYS B 20 21.64 -0.15 -16.34
N SER B 21 20.66 -0.10 -17.23
CA SER B 21 19.39 0.59 -16.96
C SER B 21 18.58 -0.12 -15.86
N ASN B 22 17.91 0.68 -15.02
CA ASN B 22 17.31 0.20 -13.78
C ASN B 22 16.14 1.16 -13.48
N PHE B 23 15.57 1.07 -12.28
CA PHE B 23 14.54 2.01 -11.84
C PHE B 23 14.89 2.48 -10.43
N LEU B 24 14.77 3.78 -10.22
CA LEU B 24 15.04 4.42 -8.93
C LEU B 24 13.67 4.62 -8.27
N ASN B 25 13.54 4.13 -7.05
CA ASN B 25 12.28 4.15 -6.28
C ASN B 25 12.35 5.05 -5.07
N CYS B 26 11.24 5.74 -4.74
CA CYS B 26 11.13 6.38 -3.45
C CYS B 26 9.77 6.00 -2.90
N TYR B 27 9.78 5.19 -1.85
CA TYR B 27 8.60 4.62 -1.23
C TYR B 27 8.31 5.45 0.01
N VAL B 28 7.18 6.16 0.02
CA VAL B 28 6.79 7.03 1.14
C VAL B 28 5.55 6.37 1.78
N SER B 29 5.57 6.19 3.11
CA SER B 29 4.46 5.52 3.80
C SER B 29 4.19 6.10 5.21
N GLY B 30 3.09 5.68 5.83
CA GLY B 30 2.77 6.05 7.21
C GLY B 30 2.40 7.51 7.38
N PHE B 31 2.05 8.20 6.28
CA PHE B 31 1.71 9.65 6.38
C PHE B 31 0.21 10.02 6.33
N HIS B 32 -0.13 11.19 6.87
CA HIS B 32 -1.47 11.75 6.86
C HIS B 32 -1.36 13.25 7.15
N PRO B 33 -2.06 14.11 6.35
CA PRO B 33 -2.96 13.84 5.24
C PRO B 33 -2.22 13.39 3.97
N SER B 34 -2.96 13.22 2.89
CA SER B 34 -2.41 12.56 1.69
C SER B 34 -1.57 13.51 0.79
N ASP B 35 -1.81 14.82 0.89
CA ASP B 35 -1.04 15.82 0.15
C ASP B 35 0.45 15.63 0.47
N ILE B 36 1.28 15.53 -0.58
CA ILE B 36 2.71 15.32 -0.37
C ILE B 36 3.46 15.73 -1.63
N GLU B 37 4.72 16.14 -1.42
CA GLU B 37 5.62 16.57 -2.48
C GLU B 37 6.79 15.60 -2.50
N VAL B 38 6.93 14.86 -3.59
CA VAL B 38 8.04 13.87 -3.75
C VAL B 38 8.74 14.04 -5.11
N ASP B 39 10.02 14.43 -5.07
CA ASP B 39 10.83 14.56 -6.30
C ASP B 39 12.02 13.62 -6.21
N LEU B 40 12.44 13.12 -7.37
CA LEU B 40 13.70 12.36 -7.48
C LEU B 40 14.78 13.27 -8.08
N LEU B 41 15.97 13.21 -7.50
CA LEU B 41 17.04 14.13 -7.89
C LEU B 41 18.22 13.34 -8.45
N LYS B 42 18.84 13.91 -9.49
CA LYS B 42 20.15 13.47 -9.99
C LYS B 42 21.13 14.63 -9.83
N ASN B 43 22.18 14.39 -9.05
CA ASN B 43 23.17 15.40 -8.74
C ASN B 43 22.53 16.71 -8.29
N GLY B 44 21.53 16.59 -7.38
CA GLY B 44 20.89 17.75 -6.76
C GLY B 44 19.78 18.41 -7.60
N GLU B 45 19.65 17.94 -8.83
CA GLU B 45 18.72 18.48 -9.82
C GLU B 45 17.54 17.56 -9.98
N ARG B 46 16.34 18.16 -10.03
CA ARG B 46 15.10 17.39 -10.18
C ARG B 46 15.06 16.57 -11.49
N ILE B 47 14.88 15.25 -11.37
CA ILE B 47 14.66 14.37 -12.52
C ILE B 47 13.29 14.73 -13.16
N GLU B 48 13.27 14.92 -14.49
CA GLU B 48 12.08 15.45 -15.17
C GLU B 48 10.87 14.55 -15.13
N LYS B 49 11.07 13.29 -15.50
CA LYS B 49 10.00 12.30 -15.55
C LYS B 49 10.03 11.38 -14.33
N VAL B 50 9.06 11.58 -13.43
CA VAL B 50 8.88 10.72 -12.25
C VAL B 50 7.40 10.37 -12.22
N GLU B 51 7.06 9.10 -12.11
CA GLU B 51 5.65 8.73 -11.93
C GLU B 51 5.44 8.14 -10.53
N HIS B 52 4.19 7.85 -10.19
CA HIS B 52 3.84 7.36 -8.87
C HIS B 52 2.65 6.41 -8.95
N SER B 53 2.60 5.49 -7.98
CA SER B 53 1.53 4.54 -7.83
C SER B 53 0.20 5.27 -7.47
N ASP B 54 -0.91 4.52 -7.55
CA ASP B 54 -2.23 5.02 -7.17
C ASP B 54 -2.33 5.01 -5.63
N LEU B 55 -2.72 6.16 -5.07
CA LEU B 55 -2.87 6.35 -3.61
C LEU B 55 -3.64 5.22 -2.96
N SER B 56 -2.99 4.62 -1.96
CA SER B 56 -3.63 3.62 -1.13
C SER B 56 -3.27 3.90 0.32
N PHE B 57 -3.81 3.07 1.21
CA PHE B 57 -3.56 3.25 2.64
C PHE B 57 -3.58 1.92 3.42
N SER B 58 -2.93 1.95 4.59
CA SER B 58 -2.79 0.83 5.49
C SER B 58 -3.90 0.75 6.53
N LYS B 59 -3.80 -0.26 7.39
CA LYS B 59 -4.81 -0.55 8.41
C LYS B 59 -5.04 0.62 9.37
N ASP B 60 -4.01 1.42 9.62
CA ASP B 60 -4.12 2.55 10.55
C ASP B 60 -4.55 3.81 9.82
N TRP B 61 -4.99 3.63 8.57
CA TRP B 61 -5.49 4.71 7.70
C TRP B 61 -4.37 5.60 7.13
N SER B 62 -3.10 5.35 7.47
CA SER B 62 -2.02 6.17 6.86
C SER B 62 -1.73 5.74 5.43
N PHE B 63 -1.27 6.68 4.64
CA PHE B 63 -1.19 6.51 3.19
C PHE B 63 0.18 5.99 2.78
N TYR B 64 0.30 5.43 1.57
CA TYR B 64 1.60 5.08 1.01
C TYR B 64 1.56 5.24 -0.53
N LEU B 65 2.74 5.53 -1.09
CA LEU B 65 2.92 5.82 -2.50
C LEU B 65 4.33 5.39 -2.90
N LEU B 66 4.44 4.83 -4.10
CA LEU B 66 5.75 4.59 -4.73
C LEU B 66 5.97 5.58 -5.89
N TYR B 67 7.07 6.32 -5.84
CA TYR B 67 7.49 7.24 -6.90
C TYR B 67 8.68 6.60 -7.60
N TYR B 68 8.77 6.71 -8.92
CA TYR B 68 9.83 5.97 -9.63
C TYR B 68 10.21 6.61 -10.97
N THR B 69 11.43 6.32 -11.39
CA THR B 69 11.92 6.80 -12.67
C THR B 69 12.97 5.83 -13.19
N GLU B 70 13.03 5.66 -14.51
CA GLU B 70 14.16 4.95 -15.12
C GLU B 70 15.46 5.70 -14.81
N PHE B 71 16.53 4.97 -14.53
CA PHE B 71 17.86 5.55 -14.36
C PHE B 71 18.93 4.56 -14.71
N THR B 72 20.11 5.09 -15.02
CA THR B 72 21.26 4.26 -15.32
C THR B 72 22.37 4.74 -14.39
N PRO B 73 22.57 4.03 -13.25
CA PRO B 73 23.54 4.46 -12.26
C PRO B 73 24.96 4.42 -12.82
N THR B 74 25.84 5.22 -12.22
CA THR B 74 27.28 5.20 -12.54
C THR B 74 28.02 5.31 -11.22
N GLU B 75 29.35 5.23 -11.25
CA GLU B 75 30.15 5.40 -10.03
C GLU B 75 29.97 6.77 -9.38
N LYS B 76 29.86 7.80 -10.23
CA LYS B 76 29.95 9.21 -9.83
C LYS B 76 28.61 9.95 -9.64
N ASP B 77 27.56 9.55 -10.37
CA ASP B 77 26.25 10.23 -10.27
C ASP B 77 25.56 9.96 -8.93
N GLU B 78 25.10 11.03 -8.29
CA GLU B 78 24.40 10.92 -7.01
C GLU B 78 22.88 11.09 -7.15
N TYR B 79 22.14 10.17 -6.54
CA TYR B 79 20.68 10.19 -6.62
C TYR B 79 20.08 10.39 -5.22
N ALA B 80 18.91 11.03 -5.15
CA ALA B 80 18.24 11.24 -3.88
C ALA B 80 16.73 11.34 -4.09
N CYS B 81 16.02 11.29 -2.97
CA CYS B 81 14.58 11.56 -2.96
C CYS B 81 14.34 12.75 -2.03
N ARG B 82 13.55 13.72 -2.51
CA ARG B 82 13.26 14.92 -1.73
C ARG B 82 11.76 14.96 -1.45
N VAL B 83 11.43 14.97 -0.16
CA VAL B 83 10.05 14.93 0.34
C VAL B 83 9.67 16.16 1.17
N ASN B 84 8.54 16.76 0.83
CA ASN B 84 7.90 17.73 1.71
C ASN B 84 6.45 17.33 2.01
N HIS B 85 5.98 17.72 3.19
CA HIS B 85 4.67 17.30 3.69
C HIS B 85 4.35 18.33 4.75
N VAL B 86 3.07 18.51 5.10
CA VAL B 86 2.69 19.55 6.12
C VAL B 86 3.44 19.36 7.44
N THR B 87 3.73 18.11 7.77
CA THR B 87 4.39 17.80 9.05
C THR B 87 5.88 18.16 9.08
N LEU B 88 6.51 18.39 7.93
CA LEU B 88 7.96 18.68 7.85
C LEU B 88 8.23 20.18 7.76
N SER B 89 9.12 20.70 8.61
CA SER B 89 9.46 22.14 8.59
C SER B 89 9.97 22.58 7.22
N GLN B 90 10.75 21.72 6.58
CA GLN B 90 11.28 21.99 5.26
C GLN B 90 11.58 20.65 4.56
N PRO B 91 11.78 20.67 3.23
CA PRO B 91 11.98 19.39 2.56
C PRO B 91 13.07 18.51 3.19
N LYS B 92 12.82 17.20 3.19
CA LYS B 92 13.75 16.19 3.70
C LYS B 92 14.37 15.43 2.53
N ILE B 93 15.70 15.36 2.48
CA ILE B 93 16.39 14.67 1.38
C ILE B 93 17.02 13.37 1.87
N VAL B 94 16.74 12.29 1.14
CA VAL B 94 17.29 10.99 1.50
C VAL B 94 18.13 10.51 0.31
N LYS B 95 19.43 10.34 0.53
CA LYS B 95 20.34 9.90 -0.52
C LYS B 95 20.11 8.45 -0.90
N TRP B 96 20.17 8.17 -2.19
CA TRP B 96 20.19 6.78 -2.64
C TRP B 96 21.58 6.16 -2.33
N ASP B 97 21.55 4.99 -1.70
CA ASP B 97 22.77 4.25 -1.36
C ASP B 97 22.57 2.87 -1.94
N ARG B 98 23.43 2.45 -2.85
CA ARG B 98 23.23 1.17 -3.53
C ARG B 98 23.31 -0.04 -2.60
N ASP B 99 23.81 0.18 -1.38
CA ASP B 99 23.99 -0.88 -0.36
C ASP B 99 22.78 -1.01 0.60
N MET B 100 21.74 -0.23 0.34
CA MET B 100 20.48 -0.26 1.12
C MET B 100 19.24 -0.19 0.24
N GLU C 1 -15.22 -6.79 -8.30
CA GLU C 1 -16.42 -5.95 -8.52
C GLU C 1 -16.72 -5.19 -7.23
N ALA C 2 -16.90 -3.89 -7.36
CA ALA C 2 -17.23 -2.98 -6.25
C ALA C 2 -18.67 -3.18 -5.78
N ASP C 3 -18.99 -2.60 -4.62
CA ASP C 3 -20.33 -2.61 -4.07
C ASP C 3 -21.12 -1.45 -4.70
N PRO C 4 -22.22 -1.77 -5.41
CA PRO C 4 -23.06 -0.71 -6.01
C PRO C 4 -23.75 0.17 -4.96
N THR C 5 -23.83 -0.26 -3.70
CA THR C 5 -24.63 0.48 -2.74
C THR C 5 -23.84 1.57 -2.01
N GLY C 6 -24.38 2.78 -2.01
CA GLY C 6 -23.73 3.89 -1.31
C GLY C 6 -24.68 4.37 -0.26
N HIS C 7 -24.14 4.93 0.81
CA HIS C 7 -24.98 5.46 1.85
C HIS C 7 -24.43 6.78 2.37
N SER C 8 -25.33 7.73 2.37
CA SER C 8 -25.16 8.98 3.06
C SER C 8 -24.96 8.77 4.57
N TYR C 9 -24.12 9.62 5.16
CA TYR C 9 -23.95 9.66 6.62
C TYR C 9 -25.03 10.44 7.35
C1 GOL D . 3.82 -13.94 -9.68
O1 GOL D . 3.38 -15.05 -8.93
C2 GOL D . 3.55 -12.69 -8.84
O2 GOL D . 2.39 -12.00 -9.26
C3 GOL D . 4.72 -11.72 -8.87
O3 GOL D . 4.25 -10.50 -9.34
C1 GOL E . -2.50 -5.90 0.19
O1 GOL E . -1.38 -5.31 -0.40
C2 GOL E . -3.72 -5.02 -0.06
O2 GOL E . -3.34 -3.66 -0.02
C3 GOL E . -4.78 -5.24 1.02
O3 GOL E . -4.99 -6.62 1.29
C1 GOL F . 5.56 22.34 5.39
O1 GOL F . 6.36 21.21 5.06
C2 GOL F . 5.09 22.34 6.82
O2 GOL F . 3.94 23.13 6.85
C3 GOL F . 6.08 22.88 7.86
O3 GOL F . 6.42 24.25 7.76
#